data_6NWL
#
_entry.id   6NWL
#
_cell.length_a   71.756
_cell.length_b   96.435
_cell.length_c   108.195
_cell.angle_alpha   90.000
_cell.angle_beta   90.000
_cell.angle_gamma   90.000
#
_symmetry.space_group_name_H-M   'C 2 2 21'
#
loop_
_entity.id
_entity.type
_entity.pdbx_description
1 polymer 'glucocorticoid receptor'
2 polymer 'Peroxisome proliferator-activated receptor gamma coactivator 1-alpha'
3 non-polymer (11alpha,14beta)-11,17,21-trihydroxypregn-4-ene-3,20-dione
4 non-polymer GLYCEROL
5 non-polymer 'L(+)-TARTARIC ACID'
6 non-polymer '4-(2-HYDROXYETHYL)-1-PIPERAZINE ETHANESULFONIC ACID'
7 non-polymer 'THIOCYANATE ION'
8 water water
#
loop_
_entity_poly.entity_id
_entity_poly.type
_entity_poly.pdbx_seq_one_letter_code
_entity_poly.pdbx_strand_id
1 'polypeptide(L)'
;FPTLISLLEVIEPEVLYSGYDSTLPDTSTRLMSTLNRLGGRQVVSAVKWAKALPGFRNLHLDDQMTLLQYSWMSLMAFSL
GWRSYKQSNGNMLCFAPDLVINEERMQLPYMYDQCQQMLKISSEFVRLQVSYDEYLCMKVLLLLSTVPKDGLKSQAVFDE
IRMTYIKELGKAIVKREGNSSQNWQRFYQLTKLLDSMHEMVGGLLQFCFYTFVNKSLSVEFPEMLAEIISNQLPKFKAGS
VKPLLFHQK
;
A
2 'polypeptide(L)' PSLLKKLLLAPA B
#
loop_
_chem_comp.id
_chem_comp.type
_chem_comp.name
_chem_comp.formula
EPE non-polymer '4-(2-HYDROXYETHYL)-1-PIPERAZINE ETHANESULFONIC ACID' 'C8 H18 N2 O4 S'
GOL non-polymer GLYCEROL 'C3 H8 O3'
HCY non-polymer (11alpha,14beta)-11,17,21-trihydroxypregn-4-ene-3,20-dione 'C21 H30 O5'
SCN non-polymer 'THIOCYANATE ION' 'C N S -1'
TLA non-polymer 'L(+)-TARTARIC ACID' 'C4 H6 O6'
#
# COMPACT_ATOMS: atom_id res chain seq x y z
N PHE A 1 28.76 9.89 -3.87
CA PHE A 1 27.97 9.70 -2.66
C PHE A 1 26.60 9.14 -3.00
N PRO A 2 26.23 8.05 -2.34
CA PRO A 2 24.89 7.46 -2.56
C PRO A 2 23.81 8.28 -1.85
N THR A 3 22.64 8.32 -2.46
CA THR A 3 21.52 9.10 -1.96
C THR A 3 20.38 8.19 -1.55
N LEU A 4 19.51 8.70 -0.68
CA LEU A 4 18.38 7.90 -0.25
C LEU A 4 17.48 7.55 -1.42
N ILE A 5 17.27 8.49 -2.34
CA ILE A 5 16.38 8.24 -3.47
C ILE A 5 16.95 7.14 -4.36
N SER A 6 18.27 7.16 -4.60
CA SER A 6 18.87 6.10 -5.40
C SER A 6 18.72 4.75 -4.72
N LEU A 7 18.74 4.70 -3.39
CA LEU A 7 18.53 3.43 -2.71
C LEU A 7 17.07 2.97 -2.81
N LEU A 8 16.13 3.91 -2.74
CA LEU A 8 14.72 3.53 -2.90
C LEU A 8 14.50 2.87 -4.26
N GLU A 9 15.17 3.39 -5.29
CA GLU A 9 15.04 2.79 -6.61
C GLU A 9 15.60 1.38 -6.64
N VAL A 10 16.75 1.18 -5.97
N VAL A 10 16.73 1.16 -5.97
CA VAL A 10 17.44 -0.10 -6.05
CA VAL A 10 17.40 -0.13 -6.12
C VAL A 10 16.65 -1.20 -5.36
C VAL A 10 16.72 -1.22 -5.31
N ILE A 11 16.02 -0.88 -4.22
CA ILE A 11 15.35 -1.89 -3.39
C ILE A 11 13.91 -2.14 -3.81
N GLU A 12 13.38 -1.41 -4.79
CA GLU A 12 12.00 -1.63 -5.18
C GLU A 12 11.87 -3.01 -5.82
N PRO A 13 10.99 -3.87 -5.33
CA PRO A 13 10.91 -5.23 -5.87
C PRO A 13 10.33 -5.25 -7.27
N GLU A 14 10.70 -6.30 -8.02
CA GLU A 14 10.13 -6.53 -9.33
C GLU A 14 8.65 -6.87 -9.21
N VAL A 15 7.88 -6.53 -10.24
CA VAL A 15 6.45 -6.82 -10.25
C VAL A 15 6.22 -8.32 -10.34
N LEU A 16 5.26 -8.82 -9.56
CA LEU A 16 4.92 -10.23 -9.55
C LEU A 16 3.87 -10.58 -10.60
N TYR A 17 4.00 -11.80 -11.13
CA TYR A 17 2.96 -12.40 -11.94
C TYR A 17 1.97 -13.13 -11.04
N SER A 18 0.73 -13.22 -11.51
N SER A 18 0.73 -13.26 -11.53
CA SER A 18 -0.28 -13.95 -10.77
CA SER A 18 -0.31 -13.94 -10.78
C SER A 18 -0.15 -15.46 -10.96
C SER A 18 -0.33 -15.44 -11.01
N GLY A 19 0.08 -15.90 -12.19
CA GLY A 19 -0.05 -17.31 -12.51
C GLY A 19 -1.47 -17.67 -12.86
N TYR A 20 -2.22 -16.70 -13.38
CA TYR A 20 -3.67 -16.77 -13.48
C TYR A 20 -4.13 -18.02 -14.24
N ASP A 21 -5.34 -18.44 -13.92
CA ASP A 21 -5.92 -19.70 -14.40
C ASP A 21 -7.17 -19.37 -15.22
N SER A 22 -6.97 -18.76 -16.39
CA SER A 22 -8.10 -18.34 -17.21
C SER A 22 -9.01 -19.51 -17.59
N THR A 23 -8.57 -20.74 -17.37
CA THR A 23 -9.37 -21.93 -17.72
C THR A 23 -10.26 -22.31 -16.54
N LEU A 24 -11.26 -21.47 -16.28
CA LEU A 24 -12.24 -21.77 -15.25
C LEU A 24 -13.40 -20.78 -15.29
N PRO A 25 -14.46 -21.02 -14.53
CA PRO A 25 -15.57 -20.07 -14.46
C PRO A 25 -15.15 -18.72 -13.89
N ASP A 26 -15.08 -17.69 -14.74
CA ASP A 26 -14.79 -16.35 -14.27
C ASP A 26 -15.88 -15.89 -13.31
N THR A 27 -15.92 -16.48 -12.13
CA THR A 27 -16.88 -16.05 -11.12
C THR A 27 -16.25 -14.99 -10.25
N SER A 28 -17.10 -14.19 -9.61
N SER A 28 -17.10 -14.20 -9.60
CA SER A 28 -16.60 -13.17 -8.69
CA SER A 28 -16.60 -13.17 -8.69
C SER A 28 -15.78 -13.80 -7.57
C SER A 28 -15.78 -13.79 -7.56
N THR A 29 -16.24 -14.93 -7.05
CA THR A 29 -15.54 -15.58 -5.93
C THR A 29 -14.14 -16.03 -6.36
N ARG A 30 -14.04 -16.68 -7.51
N ARG A 30 -14.03 -16.66 -7.52
CA ARG A 30 -12.75 -17.15 -8.01
CA ARG A 30 -12.71 -17.15 -7.94
C ARG A 30 -11.79 -15.99 -8.24
C ARG A 30 -11.77 -16.00 -8.24
N LEU A 31 -12.28 -14.90 -8.83
CA LEU A 31 -11.43 -13.74 -9.07
C LEU A 31 -10.93 -13.15 -7.76
N MET A 32 -11.81 -13.00 -6.78
CA MET A 32 -11.38 -12.43 -5.50
C MET A 32 -10.38 -13.33 -4.80
N SER A 33 -10.59 -14.65 -4.87
CA SER A 33 -9.62 -15.57 -4.28
C SER A 33 -8.28 -15.49 -5.01
N THR A 34 -8.32 -15.35 -6.34
CA THR A 34 -7.09 -15.18 -7.12
C THR A 34 -6.37 -13.90 -6.74
N LEU A 35 -7.12 -12.80 -6.59
CA LEU A 35 -6.51 -11.54 -6.21
C LEU A 35 -5.89 -11.63 -4.82
N ASN A 36 -6.56 -12.30 -3.88
CA ASN A 36 -5.98 -12.42 -2.54
C ASN A 36 -4.71 -13.26 -2.54
N ARG A 37 -4.62 -14.29 -3.39
CA ARG A 37 -3.38 -15.05 -3.46
C ARG A 37 -2.25 -14.18 -3.97
N LEU A 38 -2.50 -13.40 -5.02
CA LEU A 38 -1.52 -12.42 -5.48
C LEU A 38 -1.19 -11.41 -4.39
N GLY A 39 -2.22 -10.89 -3.72
CA GLY A 39 -2.00 -9.94 -2.63
C GLY A 39 -1.11 -10.48 -1.54
N GLY A 40 -1.30 -11.74 -1.15
CA GLY A 40 -0.46 -12.32 -0.12
C GLY A 40 0.99 -12.37 -0.53
N ARG A 41 1.25 -12.70 -1.80
CA ARG A 41 2.62 -12.73 -2.28
C ARG A 41 3.19 -11.32 -2.40
N GLN A 42 2.35 -10.35 -2.78
CA GLN A 42 2.82 -8.97 -2.81
C GLN A 42 3.14 -8.45 -1.41
N VAL A 43 2.39 -8.87 -0.39
CA VAL A 43 2.70 -8.44 0.97
C VAL A 43 4.02 -9.05 1.44
N VAL A 44 4.29 -10.32 1.07
CA VAL A 44 5.59 -10.89 1.38
C VAL A 44 6.70 -10.04 0.75
N SER A 45 6.53 -9.65 -0.51
N SER A 45 6.53 -9.66 -0.51
CA SER A 45 7.51 -8.80 -1.17
CA SER A 45 7.52 -8.81 -1.16
C SER A 45 7.65 -7.46 -0.46
C SER A 45 7.66 -7.47 -0.43
N ALA A 46 6.54 -6.90 0.03
CA ALA A 46 6.60 -5.62 0.72
C ALA A 46 7.29 -5.74 2.06
N VAL A 47 7.16 -6.89 2.75
CA VAL A 47 7.89 -7.07 4.00
C VAL A 47 9.38 -7.10 3.73
N LYS A 48 9.80 -7.81 2.67
CA LYS A 48 11.22 -7.86 2.34
C LYS A 48 11.74 -6.47 1.95
N TRP A 49 10.89 -5.69 1.27
CA TRP A 49 11.22 -4.31 0.92
C TRP A 49 11.42 -3.46 2.18
N ALA A 50 10.49 -3.59 3.13
CA ALA A 50 10.61 -2.82 4.37
C ALA A 50 11.87 -3.17 5.14
N LYS A 51 12.27 -4.45 5.12
CA LYS A 51 13.51 -4.82 5.81
C LYS A 51 14.71 -4.13 5.21
N ALA A 52 14.66 -3.83 3.90
CA ALA A 52 15.75 -3.17 3.20
C ALA A 52 15.63 -1.66 3.18
N LEU A 53 14.51 -1.12 3.64
CA LEU A 53 14.25 0.32 3.62
C LEU A 53 15.17 1.04 4.60
N PRO A 54 16.03 1.95 4.14
CA PRO A 54 16.94 2.63 5.07
C PRO A 54 16.22 3.19 6.29
N GLY A 55 16.65 2.76 7.48
CA GLY A 55 16.12 3.24 8.75
C GLY A 55 15.02 2.39 9.36
N PHE A 56 14.30 1.60 8.56
CA PHE A 56 13.17 0.85 9.10
C PHE A 56 13.59 -0.13 10.19
N ARG A 57 14.75 -0.79 10.01
N ARG A 57 14.74 -0.79 10.01
CA ARG A 57 15.19 -1.79 10.97
CA ARG A 57 15.18 -1.79 10.97
C ARG A 57 15.52 -1.18 12.33
C ARG A 57 15.62 -1.19 12.30
N ASN A 58 15.63 0.14 12.42
CA ASN A 58 15.91 0.76 13.70
C ASN A 58 14.69 0.77 14.62
N LEU A 59 13.51 0.52 14.06
CA LEU A 59 12.29 0.46 14.85
C LEU A 59 12.26 -0.82 15.68
N HIS A 60 11.61 -0.73 16.85
CA HIS A 60 11.30 -1.93 17.62
C HIS A 60 10.57 -2.92 16.74
N LEU A 61 10.89 -4.21 16.91
CA LEU A 61 10.26 -5.23 16.09
C LEU A 61 8.74 -5.13 16.14
N ASP A 62 8.19 -4.80 17.31
CA ASP A 62 6.74 -4.72 17.45
C ASP A 62 6.17 -3.57 16.63
N ASP A 63 6.91 -2.46 16.54
CA ASP A 63 6.49 -1.36 15.68
C ASP A 63 6.60 -1.73 14.21
N GLN A 64 7.67 -2.44 13.82
CA GLN A 64 7.76 -2.90 12.44
C GLN A 64 6.51 -3.71 12.07
N MET A 65 6.08 -4.59 12.99
N MET A 65 6.12 -4.62 12.98
CA MET A 65 4.91 -5.41 12.73
CA MET A 65 4.91 -5.42 12.77
C MET A 65 3.64 -4.57 12.69
C MET A 65 3.68 -4.52 12.65
N THR A 66 3.51 -3.60 13.60
CA THR A 66 2.34 -2.73 13.60
C THR A 66 2.21 -1.96 12.30
N LEU A 67 3.29 -1.32 11.87
CA LEU A 67 3.19 -0.49 10.67
C LEU A 67 2.84 -1.33 9.44
N LEU A 68 3.44 -2.51 9.29
CA LEU A 68 3.12 -3.33 8.12
C LEU A 68 1.69 -3.85 8.20
N GLN A 69 1.23 -4.23 9.40
CA GLN A 69 -0.13 -4.73 9.53
C GLN A 69 -1.16 -3.64 9.31
N TYR A 70 -0.84 -2.40 9.69
CA TYR A 70 -1.81 -1.34 9.54
C TYR A 70 -1.87 -0.79 8.13
N SER A 71 -0.76 -0.77 7.40
CA SER A 71 -0.67 -0.04 6.14
C SER A 71 -0.69 -0.92 4.90
N TRP A 72 -0.77 -2.25 5.03
CA TRP A 72 -0.56 -3.12 3.87
C TRP A 72 -1.49 -2.77 2.72
N MET A 73 -2.77 -2.48 3.01
CA MET A 73 -3.70 -2.23 1.90
C MET A 73 -3.40 -0.91 1.22
N SER A 74 -2.95 0.10 1.97
CA SER A 74 -2.53 1.35 1.35
C SER A 74 -1.36 1.12 0.42
N LEU A 75 -0.38 0.33 0.86
CA LEU A 75 0.75 0.04 0.00
C LEU A 75 0.32 -0.69 -1.26
N MET A 76 -0.54 -1.70 -1.12
CA MET A 76 -0.91 -2.50 -2.29
C MET A 76 -1.73 -1.67 -3.27
N ALA A 77 -2.64 -0.85 -2.76
CA ALA A 77 -3.50 -0.07 -3.66
C ALA A 77 -2.70 1.05 -4.33
N PHE A 78 -1.76 1.66 -3.62
CA PHE A 78 -0.93 2.71 -4.21
C PHE A 78 -0.08 2.16 -5.33
N SER A 79 0.52 0.98 -5.12
N SER A 79 0.51 0.98 -5.12
CA SER A 79 1.34 0.42 -6.19
CA SER A 79 1.33 0.38 -6.15
C SER A 79 0.49 -0.09 -7.34
C SER A 79 0.48 -0.07 -7.33
N LEU A 80 -0.72 -0.58 -7.07
CA LEU A 80 -1.64 -0.89 -8.15
C LEU A 80 -1.98 0.37 -8.95
N GLY A 81 -2.18 1.49 -8.25
CA GLY A 81 -2.42 2.74 -8.94
C GLY A 81 -1.27 3.12 -9.84
N TRP A 82 -0.04 2.96 -9.36
CA TRP A 82 1.13 3.28 -10.17
C TRP A 82 1.24 2.39 -11.41
N ARG A 83 1.12 1.07 -11.23
CA ARG A 83 1.19 0.17 -12.39
C ARG A 83 0.09 0.49 -13.39
N SER A 84 -1.12 0.76 -12.88
CA SER A 84 -2.22 1.03 -13.82
C SER A 84 -1.99 2.35 -14.55
N TYR A 85 -1.34 3.32 -13.89
CA TYR A 85 -0.98 4.57 -14.52
C TYR A 85 0.09 4.37 -15.58
N LYS A 86 1.18 3.68 -15.24
CA LYS A 86 2.27 3.51 -16.19
C LYS A 86 1.89 2.57 -17.34
N GLN A 87 1.12 1.52 -17.06
CA GLN A 87 0.83 0.54 -18.10
C GLN A 87 -0.43 0.85 -18.89
N SER A 88 -1.39 1.60 -18.32
CA SER A 88 -2.61 1.84 -19.07
C SER A 88 -3.11 3.27 -18.96
N ASN A 89 -2.34 4.18 -18.36
CA ASN A 89 -2.79 5.56 -18.14
C ASN A 89 -4.09 5.59 -17.36
N GLY A 90 -4.25 4.67 -16.41
CA GLY A 90 -5.40 4.65 -15.52
C GLY A 90 -6.68 4.09 -16.10
N ASN A 91 -6.64 3.43 -17.26
CA ASN A 91 -7.86 2.93 -17.88
C ASN A 91 -8.21 1.51 -17.46
N MET A 92 -7.23 0.71 -17.07
CA MET A 92 -7.46 -0.67 -16.70
C MET A 92 -6.75 -0.94 -15.38
N LEU A 93 -7.23 -1.95 -14.65
CA LEU A 93 -6.59 -2.32 -13.40
C LEU A 93 -5.49 -3.32 -13.69
N CYS A 94 -4.24 -2.88 -13.54
CA CYS A 94 -3.07 -3.69 -13.93
C CYS A 94 -2.56 -4.40 -12.67
N PHE A 95 -3.28 -5.45 -12.27
CA PHE A 95 -2.91 -6.16 -11.05
C PHE A 95 -1.55 -6.85 -11.21
N ALA A 96 -1.31 -7.43 -12.37
CA ALA A 96 -0.06 -8.10 -12.70
C ALA A 96 0.03 -8.17 -14.22
N PRO A 97 1.21 -8.45 -14.76
CA PRO A 97 1.33 -8.50 -16.22
C PRO A 97 0.42 -9.53 -16.85
N ASP A 98 0.09 -10.61 -16.13
CA ASP A 98 -0.83 -11.64 -16.62
C ASP A 98 -2.21 -11.53 -16.01
N LEU A 99 -2.55 -10.38 -15.40
CA LEU A 99 -3.87 -10.20 -14.78
C LEU A 99 -4.23 -8.72 -14.90
N VAL A 100 -4.68 -8.34 -16.10
CA VAL A 100 -5.09 -6.98 -16.43
C VAL A 100 -6.59 -7.00 -16.60
N ILE A 101 -7.31 -6.18 -15.82
CA ILE A 101 -8.76 -6.21 -15.78
C ILE A 101 -9.31 -4.90 -16.33
N ASN A 102 -10.11 -4.97 -17.39
CA ASN A 102 -10.78 -3.78 -17.87
C ASN A 102 -12.15 -3.65 -17.22
N GLU A 103 -12.69 -2.44 -17.22
CA GLU A 103 -13.85 -2.20 -16.36
C GLU A 103 -15.14 -2.79 -16.91
N GLU A 104 -15.12 -3.42 -18.09
CA GLU A 104 -16.26 -4.23 -18.49
C GLU A 104 -16.37 -5.47 -17.62
N ARG A 105 -15.23 -6.11 -17.33
CA ARG A 105 -15.23 -7.30 -16.50
C ARG A 105 -15.46 -6.98 -15.03
N MET A 106 -15.43 -5.70 -14.66
CA MET A 106 -15.79 -5.29 -13.31
C MET A 106 -17.29 -5.29 -13.06
N GLN A 107 -18.10 -5.73 -14.03
CA GLN A 107 -19.53 -5.82 -13.82
C GLN A 107 -19.91 -6.98 -12.92
N LEU A 108 -19.00 -7.93 -12.71
CA LEU A 108 -19.19 -9.11 -11.88
C LEU A 108 -19.70 -8.71 -10.49
N PRO A 109 -20.50 -9.56 -9.85
CA PRO A 109 -21.03 -9.22 -8.52
C PRO A 109 -19.94 -8.78 -7.56
N TYR A 110 -20.24 -7.76 -6.76
CA TYR A 110 -19.36 -7.20 -5.73
C TYR A 110 -18.09 -6.57 -6.30
N MET A 111 -17.93 -6.53 -7.62
CA MET A 111 -16.68 -6.04 -8.21
C MET A 111 -16.74 -4.59 -8.65
N TYR A 112 -17.93 -4.05 -8.93
CA TYR A 112 -18.02 -2.74 -9.54
C TYR A 112 -17.48 -1.64 -8.63
N ASP A 113 -17.98 -1.58 -7.39
CA ASP A 113 -17.58 -0.48 -6.52
C ASP A 113 -16.10 -0.52 -6.20
N GLN A 114 -15.56 -1.70 -5.87
CA GLN A 114 -14.15 -1.74 -5.53
C GLN A 114 -13.27 -1.41 -6.73
N CYS A 115 -13.69 -1.76 -7.93
CA CYS A 115 -12.87 -1.43 -9.08
C CYS A 115 -12.92 0.08 -9.37
N GLN A 116 -14.09 0.69 -9.20
CA GLN A 116 -14.15 2.15 -9.29
C GLN A 116 -13.23 2.82 -8.27
N GLN A 117 -13.14 2.26 -7.07
CA GLN A 117 -12.29 2.86 -6.05
C GLN A 117 -10.82 2.70 -6.40
N MET A 118 -10.44 1.53 -6.93
CA MET A 118 -9.06 1.35 -7.36
C MET A 118 -8.72 2.27 -8.54
N LEU A 119 -9.64 2.40 -9.49
CA LEU A 119 -9.42 3.31 -10.62
C LEU A 119 -9.28 4.76 -10.16
N LYS A 120 -9.99 5.16 -9.11
CA LYS A 120 -9.87 6.54 -8.66
C LYS A 120 -8.45 6.81 -8.17
N ILE A 121 -7.83 5.85 -7.49
CA ILE A 121 -6.45 6.03 -7.06
C ILE A 121 -5.53 6.20 -8.26
N SER A 122 -5.71 5.35 -9.28
N SER A 122 -5.69 5.33 -9.27
CA SER A 122 -4.87 5.49 -10.47
CA SER A 122 -4.83 5.47 -10.44
C SER A 122 -5.09 6.84 -11.13
C SER A 122 -5.10 6.77 -11.19
N SER A 123 -6.34 7.32 -11.16
N SER A 123 -6.33 7.28 -11.10
CA SER A 123 -6.65 8.59 -11.81
CA SER A 123 -6.66 8.54 -11.76
C SER A 123 -5.94 9.76 -11.13
C SER A 123 -5.90 9.72 -11.15
N GLU A 124 -5.57 9.62 -9.86
CA GLU A 124 -4.83 10.69 -9.20
C GLU A 124 -3.39 10.76 -9.69
N PHE A 125 -2.77 9.59 -9.95
CA PHE A 125 -1.45 9.59 -10.59
C PHE A 125 -1.50 10.27 -11.96
N VAL A 126 -2.56 10.02 -12.74
CA VAL A 126 -2.68 10.66 -14.05
C VAL A 126 -2.86 12.17 -13.90
N ARG A 127 -3.75 12.57 -13.00
CA ARG A 127 -4.03 14.00 -12.82
C ARG A 127 -2.77 14.75 -12.45
N LEU A 128 -1.99 14.21 -11.52
CA LEU A 128 -0.82 14.90 -11.00
C LEU A 128 0.45 14.62 -11.79
N GLN A 129 0.43 13.67 -12.74
CA GLN A 129 1.61 13.28 -13.49
C GLN A 129 2.78 12.99 -12.55
N VAL A 130 2.52 12.08 -11.62
CA VAL A 130 3.49 11.74 -10.58
C VAL A 130 4.73 11.11 -11.20
N SER A 131 5.91 11.54 -10.74
CA SER A 131 7.16 10.93 -11.21
C SER A 131 7.50 9.69 -10.39
N TYR A 132 8.37 8.84 -10.94
CA TYR A 132 8.75 7.63 -10.22
C TYR A 132 9.34 7.95 -8.86
N ASP A 133 10.25 8.93 -8.78
CA ASP A 133 10.86 9.24 -7.50
C ASP A 133 9.84 9.80 -6.50
N GLU A 134 8.89 10.62 -6.98
CA GLU A 134 7.83 11.09 -6.08
C GLU A 134 7.02 9.90 -5.56
N TYR A 135 6.69 8.97 -6.44
CA TYR A 135 5.94 7.77 -6.05
C TYR A 135 6.70 6.96 -5.00
N LEU A 136 8.00 6.72 -5.20
CA LEU A 136 8.76 5.94 -4.23
C LEU A 136 8.78 6.59 -2.85
N CYS A 137 8.93 7.92 -2.78
CA CYS A 137 8.95 8.59 -1.49
C CYS A 137 7.58 8.56 -0.84
N MET A 138 6.52 8.79 -1.63
CA MET A 138 5.17 8.75 -1.09
C MET A 138 4.86 7.36 -0.55
N LYS A 139 5.32 6.32 -1.24
CA LYS A 139 5.02 4.96 -0.79
C LYS A 139 5.64 4.67 0.56
N VAL A 140 6.88 5.14 0.80
CA VAL A 140 7.44 5.02 2.14
C VAL A 140 6.58 5.75 3.16
N LEU A 141 6.12 6.96 2.82
CA LEU A 141 5.32 7.69 3.78
C LEU A 141 4.00 6.98 4.07
N LEU A 142 3.46 6.21 3.12
CA LEU A 142 2.25 5.44 3.46
C LEU A 142 2.54 4.34 4.48
N LEU A 143 3.69 3.66 4.35
CA LEU A 143 4.09 2.69 5.37
C LEU A 143 4.14 3.34 6.75
N LEU A 144 4.40 4.65 6.79
CA LEU A 144 4.58 5.39 8.05
C LEU A 144 3.41 6.28 8.39
N SER A 145 2.22 6.03 7.85
N SER A 145 2.22 5.99 7.83
CA SER A 145 1.14 7.00 8.03
CA SER A 145 1.09 6.91 7.89
C SER A 145 -0.08 6.49 8.79
C SER A 145 0.03 6.55 8.94
N THR A 146 -0.06 5.28 9.34
CA THR A 146 -1.17 4.80 10.17
C THR A 146 -0.59 4.18 11.44
N VAL A 147 -0.97 4.69 12.60
CA VAL A 147 -0.33 4.33 13.87
C VAL A 147 -1.38 4.14 14.95
N PRO A 148 -1.03 3.44 16.03
CA PRO A 148 -1.96 3.29 17.15
C PRO A 148 -2.20 4.64 17.81
N LYS A 149 -3.44 4.87 18.27
CA LYS A 149 -3.69 6.09 19.01
C LYS A 149 -2.83 6.19 20.25
N ASP A 150 -2.49 5.06 20.86
CA ASP A 150 -1.68 5.06 22.09
C ASP A 150 -0.19 5.11 21.82
N GLY A 151 0.24 5.23 20.56
CA GLY A 151 1.63 5.43 20.24
C GLY A 151 2.40 4.14 19.95
N LEU A 152 3.65 4.33 19.54
N LEU A 152 3.66 4.34 19.56
CA LEU A 152 4.56 3.22 19.26
CA LEU A 152 4.57 3.25 19.25
C LEU A 152 5.48 2.96 20.45
C LEU A 152 5.60 3.05 20.35
N LYS A 153 6.23 1.87 20.36
CA LYS A 153 7.23 1.56 21.38
C LYS A 153 8.54 2.31 21.14
N SER A 154 8.90 2.58 19.90
CA SER A 154 10.11 3.34 19.58
C SER A 154 9.69 4.64 18.89
N GLN A 155 8.96 5.46 19.64
CA GLN A 155 8.38 6.68 19.08
C GLN A 155 9.45 7.62 18.53
N ALA A 156 10.54 7.80 19.27
CA ALA A 156 11.57 8.74 18.82
C ALA A 156 12.17 8.30 17.49
N VAL A 157 12.48 7.02 17.35
CA VAL A 157 13.01 6.51 16.09
C VAL A 157 11.99 6.71 14.97
N PHE A 158 10.72 6.43 15.25
CA PHE A 158 9.69 6.59 14.23
C PHE A 158 9.61 8.04 13.78
N ASP A 159 9.53 8.98 14.73
CA ASP A 159 9.49 10.40 14.38
C ASP A 159 10.64 10.78 13.47
N GLU A 160 11.84 10.26 13.76
CA GLU A 160 13.00 10.60 12.94
C GLU A 160 12.88 10.04 11.52
N ILE A 161 12.48 8.77 11.39
N ILE A 161 12.44 8.80 11.38
CA ILE A 161 12.36 8.18 10.06
CA ILE A 161 12.40 8.22 10.03
C ILE A 161 11.34 8.95 9.24
C ILE A 161 11.29 8.84 9.20
N ARG A 162 10.17 9.21 9.83
CA ARG A 162 9.10 9.88 9.09
C ARG A 162 9.57 11.24 8.60
N MET A 163 10.21 12.03 9.46
CA MET A 163 10.68 13.34 8.99
CA MET A 163 10.71 13.33 9.02
C MET A 163 11.76 13.18 7.92
N THR A 164 12.59 12.15 8.01
CA THR A 164 13.59 11.90 6.98
C THR A 164 12.95 11.70 5.61
N TYR A 165 11.85 10.95 5.54
CA TYR A 165 11.27 10.69 4.23
C TYR A 165 10.34 11.81 3.77
N ILE A 166 9.82 12.63 4.68
CA ILE A 166 9.17 13.88 4.28
C ILE A 166 10.18 14.78 3.57
N LYS A 167 11.37 14.93 4.15
CA LYS A 167 12.44 15.66 3.47
C LYS A 167 12.77 15.05 2.12
N GLU A 168 12.84 13.72 2.04
CA GLU A 168 13.17 13.08 0.76
C GLU A 168 12.10 13.36 -0.28
N LEU A 169 10.83 13.37 0.11
CA LEU A 169 9.79 13.77 -0.84
C LEU A 169 10.08 15.16 -1.40
N GLY A 170 10.47 16.10 -0.53
CA GLY A 170 10.82 17.42 -1.01
C GLY A 170 11.96 17.40 -2.01
N LYS A 171 12.96 16.56 -1.77
CA LYS A 171 14.08 16.43 -2.69
C LYS A 171 13.64 15.87 -4.03
N ALA A 172 12.71 14.90 -4.02
CA ALA A 172 12.23 14.32 -5.27
C ALA A 172 11.48 15.37 -6.09
N ILE A 173 10.75 16.25 -5.42
CA ILE A 173 10.05 17.33 -6.11
C ILE A 173 11.03 18.30 -6.73
N VAL A 174 12.08 18.67 -6.00
CA VAL A 174 13.06 19.62 -6.51
C VAL A 174 13.76 19.05 -7.73
N LYS A 175 13.98 17.73 -7.75
CA LYS A 175 14.60 17.09 -8.89
C LYS A 175 13.67 17.08 -10.11
N ARG A 176 12.37 16.91 -9.88
CA ARG A 176 11.41 16.84 -10.97
C ARG A 176 11.29 18.16 -11.74
N GLU A 177 11.91 19.23 -11.27
CA GLU A 177 11.60 20.56 -11.81
C GLU A 177 12.87 21.40 -11.85
N GLY A 178 13.44 21.57 -13.04
CA GLY A 178 14.55 22.47 -13.25
C GLY A 178 14.15 23.93 -13.09
N ASN A 179 13.63 24.26 -11.91
CA ASN A 179 13.19 25.60 -11.57
C ASN A 179 12.69 25.63 -10.14
N SER A 180 11.94 26.67 -9.77
CA SER A 180 11.51 26.87 -8.39
C SER A 180 10.04 27.21 -8.23
N SER A 181 9.39 27.77 -9.25
CA SER A 181 8.10 28.42 -9.08
C SER A 181 7.05 27.51 -8.45
N GLN A 182 7.19 26.20 -8.57
CA GLN A 182 6.10 25.29 -8.21
C GLN A 182 6.45 24.33 -7.08
N ASN A 183 7.62 24.48 -6.43
CA ASN A 183 8.05 23.47 -5.47
C ASN A 183 7.08 23.34 -4.30
N TRP A 184 6.69 24.48 -3.70
CA TRP A 184 5.75 24.39 -2.57
C TRP A 184 4.38 23.90 -3.04
N GLN A 185 3.90 24.47 -4.14
CA GLN A 185 2.62 24.02 -4.70
C GLN A 185 2.61 22.50 -4.92
N ARG A 186 3.71 21.96 -5.45
CA ARG A 186 3.78 20.53 -5.69
C ARG A 186 3.78 19.73 -4.39
N PHE A 187 4.55 20.17 -3.40
CA PHE A 187 4.55 19.50 -2.11
C PHE A 187 3.17 19.52 -1.48
N TYR A 188 2.47 20.64 -1.61
CA TYR A 188 1.10 20.74 -1.12
C TYR A 188 0.20 19.72 -1.80
N GLN A 189 0.30 19.61 -3.13
CA GLN A 189 -0.56 18.68 -3.86
C GLN A 189 -0.26 17.24 -3.48
N LEU A 190 1.02 16.89 -3.34
CA LEU A 190 1.33 15.49 -3.07
C LEU A 190 1.01 15.10 -1.63
N THR A 191 1.16 16.03 -0.69
CA THR A 191 0.75 15.71 0.68
C THR A 191 -0.77 15.71 0.80
N LYS A 192 -1.47 16.50 0.00
CA LYS A 192 -2.92 16.35 -0.07
C LYS A 192 -3.29 14.98 -0.61
N LEU A 193 -2.54 14.47 -1.59
CA LEU A 193 -2.79 13.13 -2.10
C LEU A 193 -2.57 12.09 -1.02
N LEU A 194 -1.46 12.19 -0.30
CA LEU A 194 -1.21 11.25 0.80
C LEU A 194 -2.35 11.26 1.81
N ASP A 195 -2.82 12.45 2.21
CA ASP A 195 -3.91 12.53 3.17
C ASP A 195 -5.16 11.84 2.62
N SER A 196 -5.42 12.03 1.33
CA SER A 196 -6.63 11.48 0.73
C SER A 196 -6.58 9.96 0.61
N MET A 197 -5.38 9.35 0.68
CA MET A 197 -5.29 7.90 0.55
C MET A 197 -6.03 7.18 1.67
N HIS A 198 -6.10 7.78 2.86
CA HIS A 198 -6.78 7.10 3.96
C HIS A 198 -8.23 6.83 3.61
N GLU A 199 -8.93 7.83 3.08
CA GLU A 199 -10.30 7.60 2.67
C GLU A 199 -10.40 6.81 1.36
N MET A 200 -9.45 7.00 0.43
CA MET A 200 -9.60 6.33 -0.86
C MET A 200 -9.45 4.83 -0.73
N VAL A 201 -8.69 4.37 0.28
N VAL A 201 -8.71 4.35 0.27
CA VAL A 201 -8.51 2.94 0.54
CA VAL A 201 -8.57 2.91 0.50
C VAL A 201 -9.52 2.41 1.55
C VAL A 201 -9.46 2.41 1.62
N GLY A 202 -10.22 3.30 2.27
CA GLY A 202 -11.07 2.86 3.37
C GLY A 202 -12.16 1.88 2.93
N GLY A 203 -12.78 2.14 1.78
CA GLY A 203 -13.79 1.23 1.27
C GLY A 203 -13.21 -0.11 0.84
N LEU A 204 -12.00 -0.10 0.29
CA LEU A 204 -11.34 -1.36 -0.05
C LEU A 204 -11.08 -2.19 1.20
N LEU A 205 -10.62 -1.54 2.27
CA LEU A 205 -10.33 -2.26 3.50
C LEU A 205 -11.60 -2.80 4.14
N GLN A 206 -12.66 -1.99 4.16
CA GLN A 206 -13.92 -2.45 4.73
C GLN A 206 -14.46 -3.64 3.95
N PHE A 207 -14.33 -3.62 2.62
CA PHE A 207 -14.80 -4.75 1.83
C PHE A 207 -13.96 -5.98 2.12
N CYS A 208 -12.66 -5.81 2.22
CA CYS A 208 -11.78 -6.92 2.56
C CYS A 208 -12.15 -7.51 3.92
N PHE A 209 -12.36 -6.65 4.91
CA PHE A 209 -12.78 -7.11 6.23
C PHE A 209 -14.03 -7.99 6.14
N TYR A 210 -15.04 -7.54 5.38
CA TYR A 210 -16.29 -8.30 5.28
C TYR A 210 -16.09 -9.65 4.61
N THR A 211 -15.31 -9.70 3.53
CA THR A 211 -15.06 -11.00 2.89
C THR A 211 -14.21 -11.90 3.76
N PHE A 212 -13.43 -11.32 4.68
CA PHE A 212 -12.63 -12.14 5.57
C PHE A 212 -13.52 -12.76 6.65
N VAL A 213 -14.38 -11.96 7.27
N VAL A 213 -14.39 -11.96 7.27
CA VAL A 213 -15.19 -12.46 8.38
CA VAL A 213 -15.19 -12.48 8.39
C VAL A 213 -16.38 -13.27 7.90
C VAL A 213 -16.37 -13.30 7.89
N ASN A 214 -17.00 -12.88 6.78
CA ASN A 214 -18.21 -13.55 6.29
C ASN A 214 -17.83 -14.76 5.45
N LYS A 215 -17.69 -15.91 6.12
CA LYS A 215 -17.19 -17.10 5.45
C LYS A 215 -18.16 -17.65 4.41
N SER A 216 -19.43 -17.26 4.44
CA SER A 216 -20.38 -17.77 3.46
C SER A 216 -20.18 -17.18 2.06
N LEU A 217 -19.38 -16.12 1.94
CA LEU A 217 -19.00 -15.64 0.61
C LEU A 217 -17.95 -16.53 -0.05
N SER A 218 -17.36 -17.47 0.69
CA SER A 218 -16.43 -18.48 0.18
C SER A 218 -15.18 -17.88 -0.46
N VAL A 219 -14.80 -16.66 -0.08
CA VAL A 219 -13.56 -16.06 -0.58
C VAL A 219 -12.38 -16.59 0.22
N GLU A 220 -11.33 -17.01 -0.48
CA GLU A 220 -10.17 -17.60 0.18
C GLU A 220 -9.07 -16.57 0.38
N PHE A 221 -8.36 -16.68 1.50
CA PHE A 221 -7.21 -15.84 1.82
C PHE A 221 -5.99 -16.70 2.10
N PRO A 222 -4.81 -16.30 1.65
CA PRO A 222 -3.60 -17.04 2.00
C PRO A 222 -3.21 -16.79 3.46
N GLU A 223 -2.30 -17.65 3.95
CA GLU A 223 -2.10 -17.78 5.39
C GLU A 223 -1.59 -16.49 6.03
N MET A 224 -0.51 -15.91 5.49
CA MET A 224 0.03 -14.75 6.20
C MET A 224 -0.91 -13.57 6.12
N LEU A 225 -1.60 -13.40 4.99
CA LEU A 225 -2.57 -12.31 4.88
C LEU A 225 -3.71 -12.49 5.87
N ALA A 226 -4.19 -13.72 6.03
CA ALA A 226 -5.25 -13.96 7.02
C ALA A 226 -4.77 -13.60 8.43
N GLU A 227 -3.53 -13.97 8.77
CA GLU A 227 -3.00 -13.59 10.07
C GLU A 227 -2.95 -12.07 10.22
N ILE A 228 -2.50 -11.36 9.18
CA ILE A 228 -2.40 -9.91 9.25
C ILE A 228 -3.78 -9.28 9.44
N ILE A 229 -4.76 -9.70 8.63
CA ILE A 229 -6.09 -9.10 8.77
C ILE A 229 -6.68 -9.41 10.14
N SER A 230 -6.47 -10.63 10.64
CA SER A 230 -7.06 -10.98 11.93
C SER A 230 -6.53 -10.10 13.05
N ASN A 231 -5.32 -9.56 12.90
CA ASN A 231 -4.76 -8.62 13.87
C ASN A 231 -5.19 -7.18 13.61
N GLN A 232 -5.21 -6.77 12.33
CA GLN A 232 -5.53 -5.40 11.96
C GLN A 232 -7.02 -5.09 12.16
N LEU A 233 -7.88 -6.02 11.77
N LEU A 233 -7.88 -6.02 11.76
CA LEU A 233 -9.31 -5.74 11.72
CA LEU A 233 -9.33 -5.81 11.75
C LEU A 233 -9.87 -5.31 13.08
C LEU A 233 -9.85 -5.29 13.08
N PRO A 234 -9.62 -6.01 14.19
CA PRO A 234 -10.21 -5.57 15.47
C PRO A 234 -9.76 -4.19 15.88
N LYS A 235 -8.49 -3.84 15.61
CA LYS A 235 -7.98 -2.52 15.97
C LYS A 235 -8.65 -1.42 15.18
N PHE A 236 -8.83 -1.65 13.87
CA PHE A 236 -9.49 -0.65 13.04
C PHE A 236 -10.95 -0.50 13.41
N LYS A 237 -11.67 -1.61 13.58
CA LYS A 237 -13.10 -1.49 13.87
C LYS A 237 -13.35 -0.89 15.25
N ALA A 238 -12.41 -1.05 16.18
CA ALA A 238 -12.55 -0.49 17.52
C ALA A 238 -12.20 0.99 17.60
N GLY A 239 -11.70 1.57 16.50
CA GLY A 239 -11.31 2.96 16.51
C GLY A 239 -10.02 3.26 17.25
N SER A 240 -9.08 2.32 17.31
N SER A 240 -9.09 2.32 17.28
CA SER A 240 -7.85 2.51 18.06
CA SER A 240 -7.86 2.43 18.05
C SER A 240 -6.68 2.94 17.18
C SER A 240 -6.69 3.00 17.26
N VAL A 241 -6.95 3.33 15.95
N VAL A 241 -6.84 3.15 15.95
CA VAL A 241 -5.93 3.62 14.95
CA VAL A 241 -5.76 3.61 15.07
C VAL A 241 -6.15 5.03 14.42
C VAL A 241 -6.09 5.00 14.56
N LYS A 242 -5.05 5.72 14.13
CA LYS A 242 -5.23 7.05 13.58
C LYS A 242 -4.32 7.28 12.38
N PRO A 243 -4.78 8.06 11.42
CA PRO A 243 -3.93 8.47 10.32
C PRO A 243 -3.13 9.70 10.70
N LEU A 244 -1.89 9.76 10.19
CA LEU A 244 -1.04 10.94 10.36
C LEU A 244 -1.24 11.84 9.15
N LEU A 245 -1.96 12.94 9.35
CA LEU A 245 -2.34 13.83 8.26
C LEU A 245 -1.41 15.04 8.21
N PHE A 246 -1.10 15.47 6.99
CA PHE A 246 -0.35 16.71 6.81
C PHE A 246 -1.23 17.95 6.96
N HIS A 247 -2.50 17.87 6.60
CA HIS A 247 -3.35 19.05 6.54
C HIS A 247 -4.55 18.92 7.46
N GLN A 248 -5.12 20.07 7.84
CA GLN A 248 -6.38 20.09 8.58
C GLN A 248 -7.43 19.22 7.89
N LYS A 249 -8.09 18.39 8.68
CA LYS A 249 -9.11 17.49 8.16
C LYS A 249 -10.41 18.24 7.87
N PRO B 1 5.32 -16.38 17.14
CA PRO B 1 5.79 -17.16 15.99
C PRO B 1 4.88 -16.98 14.78
N SER B 2 4.24 -15.81 14.67
CA SER B 2 3.44 -15.53 13.50
C SER B 2 4.31 -15.55 12.25
N LEU B 3 3.66 -15.74 11.10
CA LEU B 3 4.40 -15.77 9.84
C LEU B 3 5.08 -14.44 9.56
N LEU B 4 4.39 -13.33 9.87
CA LEU B 4 4.99 -12.02 9.64
C LEU B 4 6.23 -11.81 10.51
N LYS B 5 6.13 -12.17 11.80
CA LYS B 5 7.29 -12.06 12.67
C LYS B 5 8.43 -12.93 12.18
N LYS B 6 8.14 -14.18 11.81
CA LYS B 6 9.18 -15.05 11.27
C LYS B 6 9.88 -14.40 10.09
N LEU B 7 9.10 -13.79 9.18
CA LEU B 7 9.70 -13.20 8.00
C LEU B 7 10.55 -11.98 8.36
N LEU B 8 10.10 -11.18 9.32
CA LEU B 8 10.89 -10.01 9.71
C LEU B 8 12.21 -10.41 10.33
N LEU B 9 12.25 -11.54 11.03
CA LEU B 9 13.48 -12.00 11.68
C LEU B 9 14.34 -12.87 10.77
N ALA B 10 13.84 -13.28 9.62
CA ALA B 10 14.58 -14.18 8.75
C ALA B 10 15.72 -13.45 8.06
N PRO B 11 16.75 -14.18 7.63
CA PRO B 11 17.94 -13.54 7.05
C PRO B 11 17.67 -12.70 5.81
N ALA B 12 17.45 -13.35 4.67
CA ALA B 12 17.38 -12.69 3.36
C ALA B 12 16.79 -11.28 3.41
C1 HCY C . -4.28 -7.66 -4.67
C2 HCY C . -2.93 -7.33 -5.29
C3 HCY C . -2.99 -5.98 -5.94
C4 HCY C . -3.76 -4.95 -5.27
C5 HCY C . -4.61 -5.20 -4.27
C6 HCY C . -5.33 -4.09 -3.59
C7 HCY C . -6.85 -4.32 -3.55
C8 HCY C . -7.16 -5.64 -2.92
C9 HCY C . -6.45 -6.76 -3.70
C10 HCY C . -4.89 -6.58 -3.77
C12 HCY C . -8.39 -8.39 -3.15
C11 HCY C . -6.87 -8.20 -3.25
C13 HCY C . -9.03 -7.31 -2.29
C14 HCY C . -8.67 -5.93 -2.91
C15 HCY C . -9.54 -4.97 -2.08
C16 HCY C . -10.90 -5.76 -1.92
C17 HCY C . -10.60 -7.25 -2.31
C18 HCY C . -8.57 -7.43 -0.84
C19 HCY C . -4.20 -6.65 -2.39
C20 HCY C . -11.22 -8.28 -1.36
C21 HCY C . -11.47 -9.68 -1.93
O1 HCY C . -2.40 -5.76 -7.00
O2 HCY C . -6.18 -8.57 -2.07
O3 HCY C . -11.02 -7.53 -3.61
O4 HCY C . -11.52 -8.02 -0.21
O5 HCY C . -11.57 -10.52 -0.84
H4 HCY C . -3.63 -4.07 -5.57
H2C1 HCY C . -2.24 -7.36 -4.62
H2C2 HCY C . -2.68 -7.99 -5.95
H6C1 HCY C . -4.99 -3.96 -2.70
H6C2 HCY C . -5.15 -3.24 -4.03
H7C1 HCY C . -7.28 -3.60 -3.06
H7C2 HCY C . -7.24 -4.26 -4.44
H8 HCY C . -6.82 -5.61 -2.01
H1C1 HCY C . -4.90 -7.89 -5.38
H1C2 HCY C . -4.21 -8.48 -4.18
H191 HCY C . -3.73 -7.48 -2.22
H192 HCY C . -3.56 -5.92 -2.24
H193 HCY C . -4.85 -6.54 -1.67
H9 HCY C . -6.78 -6.69 -4.62
H11 HCY C . -6.53 -8.81 -3.93
H14 HCY C . -8.98 -5.87 -3.82
H2 HCY C . -6.66 -9.12 -1.63
H121 HCY C . -8.76 -8.38 -4.05
H122 HCY C . -8.61 -9.27 -2.83
H181 HCY C . -8.57 -8.35 -0.51
H182 HCY C . -7.66 -7.16 -0.67
H183 HCY C . -9.14 -6.94 -0.23
H151 HCY C . -9.15 -4.78 -1.22
H152 HCY C . -9.67 -4.10 -2.48
H161 HCY C . -11.24 -5.67 -1.03
H162 HCY C . -11.58 -5.38 -2.49
H3 HCY C . -10.81 -6.87 -4.09
H211 HCY C . -10.75 -9.90 -2.54
H212 HCY C . -12.28 -9.70 -2.47
H5 HCY C . -12.36 -10.82 -0.81
C1 GOL D . 6.38 -1.71 -9.48
O1 GOL D . 7.35 -0.67 -9.54
C2 GOL D . 5.21 -1.22 -8.58
O2 GOL D . 4.21 -2.17 -8.37
C3 GOL D . 5.89 -0.92 -7.23
O3 GOL D . 6.64 0.18 -7.41
H11 GOL D . 6.04 -1.96 -10.36
H12 GOL D . 6.77 -2.53 -9.11
HO1 GOL D . 7.89 -0.88 -10.16
H2 GOL D . 4.79 -0.43 -8.95
HO2 GOL D . 4.51 -2.76 -7.85
H31 GOL D . 5.21 -0.82 -6.55
H32 GOL D . 6.43 -1.68 -6.96
HO3 GOL D . 6.99 0.36 -6.67
C1 GOL E . 2.75 5.41 -19.13
O1 GOL E . 4.08 5.16 -19.47
C2 GOL E . 2.43 6.93 -19.29
O2 GOL E . 2.75 7.67 -18.11
C3 GOL E . 0.90 6.99 -19.65
O3 GOL E . 0.73 6.85 -21.09
H11 GOL E . 2.13 4.90 -19.69
H12 GOL E . 2.55 5.13 -18.23
HO1 GOL E . 4.19 4.32 -19.42
H2 GOL E . 2.97 7.32 -20.00
HO2 GOL E . 2.39 8.44 -18.18
H31 GOL E . 0.43 6.30 -19.14
H32 GOL E . 0.53 7.83 -19.32
HO3 GOL E . 1.16 6.15 -21.32
O1 TLA F . -5.59 4.37 6.81
O11 TLA F . -6.99 3.29 5.45
C1 TLA F . -5.94 3.37 6.13
C2 TLA F . -4.88 2.24 6.28
O2 TLA F . -3.61 2.79 6.01
C3 TLA F . -5.26 1.08 5.34
O3 TLA F . -5.81 1.50 4.15
C4 TLA F . -3.97 0.24 5.05
O4 TLA F . -4.14 -1.00 5.27
O41 TLA F . -2.92 0.77 4.66
H2 TLA F . -4.93 1.99 7.21
HA TLA F . -3.44 3.32 6.66
H3 TLA F . -5.86 0.45 5.77
HB TLA F . -5.23 2.02 3.79
N1 EPE G . 8.35 1.54 -13.06
C2 EPE G . 9.80 1.42 -13.47
C3 EPE G . 10.47 2.79 -13.55
N4 EPE G . 9.78 3.65 -14.59
C5 EPE G . 8.29 3.69 -14.35
C6 EPE G . 7.72 2.29 -14.21
C7 EPE G . 10.34 5.06 -14.42
C8 EPE G . 9.43 6.16 -15.03
O8 EPE G . 10.14 7.35 -15.09
C9 EPE G . 7.76 0.13 -13.07
C10 EPE G . 6.29 0.09 -12.78
S EPE G . 5.23 -0.65 -14.03
O1S EPE G . 3.98 -0.02 -13.93
O2S EPE G . 5.24 -2.08 -13.77
O3S EPE G . 5.91 -0.32 -15.27
H21 EPE G . 9.85 1.00 -14.35
H22 EPE G . 10.30 0.86 -12.87
H31 EPE G . 11.42 2.68 -13.74
H32 EPE G . 10.41 3.24 -12.69
H51 EPE G . 7.87 4.14 -15.10
H52 EPE G . 8.06 4.22 -13.57
H61 EPE G . 7.89 1.79 -15.03
H62 EPE G . 6.75 2.35 -14.12
H71 EPE G . 11.25 5.11 -14.76
H72 EPE G . 10.43 5.28 -13.47
H81 EPE G . 8.59 6.22 -14.56
H82 EPE G . 9.20 5.83 -15.92
HO8 EPE G . 10.96 7.15 -14.97
H91 EPE G . 8.00 -0.26 -13.93
H92 EPE G . 8.21 -0.41 -12.40
H101 EPE G . 6.12 -0.34 -11.92
H102 EPE G . 6.02 1.00 -12.59
S SCN H . 1.84 14.44 11.62
C SCN H . 3.00 14.14 10.52
N SCN H . 3.83 13.92 9.73
C1 GOL I . 7.01 -3.29 -1.90
O1 GOL I . 6.92 -4.19 -2.97
C2 GOL I . 5.85 -2.28 -2.05
O2 GOL I . 5.95 -1.24 -1.12
C3 GOL I . 5.97 -1.79 -3.50
O3 GOL I . 5.16 -2.60 -4.31
H11 GOL I . 6.96 -3.73 -1.04
H12 GOL I . 7.86 -2.82 -1.91
HO1 GOL I . 7.43 -4.84 -2.78
H2 GOL I . 5.00 -2.71 -1.88
HO2 GOL I . 6.78 -1.06 -1.00
H31 GOL I . 5.72 -0.85 -3.54
H32 GOL I . 6.89 -1.82 -3.78
HO3 GOL I . 5.56 -3.36 -4.37
S SCN J . -6.76 17.54 3.20
C SCN J . -6.37 16.80 4.59
N SCN J . -6.09 16.28 5.60
#